data_8VFS
#
_entry.id   8VFS
#
_cell.length_a   63.602
_cell.length_b   63.602
_cell.length_c   86.147
_cell.angle_alpha   90.000
_cell.angle_beta   90.000
_cell.angle_gamma   90.000
#
_symmetry.space_group_name_H-M   'P 43 21 2'
#
loop_
_entity.id
_entity.type
_entity.pdbx_description
1 polymer 'RNA (27-MER)'
2 water water
#
_entity_poly.entity_id   1
_entity_poly.type   'polyribonucleotide'
_entity_poly.pdbx_seq_one_letter_code
;AGCUUGCUUUAAGCCGCUGGAGGAGCU
;
_entity_poly.pdbx_strand_id   A,B
#